data_2FSR
#
_entry.id   2FSR
#
_cell.length_a   89.468
_cell.length_b   106.778
_cell.length_c   42.099
_cell.angle_alpha   90.00
_cell.angle_beta   90.00
_cell.angle_gamma   90.00
#
_symmetry.space_group_name_H-M   'C 2 2 21'
#
loop_
_entity.id
_entity.type
_entity.pdbx_description
1 polymer acetyltransferase
2 non-polymer 'FORMIC ACID'
3 non-polymer DI(HYDROXYETHYL)ETHER
4 water water
#
_entity_poly.entity_id   1
_entity_poly.type   'polypeptide(L)'
_entity_poly.pdbx_seq_one_letter_code
;(MSE)GSSHHHHHHSSGRENLYFQGH(MSE)NHSIPTLRTERLTLRPLA(MSE)ADFPAYRDF(MSE)ASPRSTGVGGPY
DLPSTWGVFCHDLANWHFFGHGAL(MSE)IDLGETGECIGQIGINHGPLFPEKELGWLLYEGHEGRGYAAEAAVALRDWA
FETLNLPTLVSYVSPQNRKSAAVAERIGGTLDPLAPRSDPEDLVYRYHQVKTAGS
;
_entity_poly.pdbx_strand_id   A
#
# COMPACT_ATOMS: atom_id res chain seq x y z
N GLY A 13 43.26 -5.39 -27.15
CA GLY A 13 43.39 -6.81 -26.72
C GLY A 13 42.81 -7.06 -25.34
N ARG A 14 42.43 -5.99 -24.66
CA ARG A 14 41.78 -6.10 -23.34
C ARG A 14 40.27 -6.13 -23.52
N GLU A 15 39.60 -6.62 -22.48
CA GLU A 15 38.17 -6.90 -22.55
C GLU A 15 37.51 -6.51 -21.24
N ASN A 16 36.21 -6.21 -21.30
N ASN A 16 36.23 -6.15 -21.31
CA ASN A 16 35.44 -5.83 -20.11
CA ASN A 16 35.47 -5.85 -20.14
C ASN A 16 34.59 -7.00 -19.64
C ASN A 16 34.68 -7.07 -19.75
N LEU A 17 35.12 -7.75 -18.69
CA LEU A 17 34.53 -9.04 -18.31
C LEU A 17 33.83 -9.05 -16.96
N TYR A 18 34.03 -8.01 -16.15
CA TYR A 18 33.47 -7.92 -14.81
C TYR A 18 32.38 -6.88 -14.74
N PHE A 19 31.26 -7.27 -14.12
CA PHE A 19 30.03 -6.48 -14.00
C PHE A 19 29.39 -6.73 -12.62
N SER A 26 17.34 -2.65 -6.12
CA SER A 26 17.01 -1.52 -5.26
C SER A 26 15.51 -1.32 -5.14
N ILE A 27 15.12 -0.29 -4.39
CA ILE A 27 13.70 0.00 -4.20
C ILE A 27 13.30 0.97 -5.29
N PRO A 28 12.19 0.69 -6.01
CA PRO A 28 11.77 1.54 -7.11
C PRO A 28 11.31 2.94 -6.66
N THR A 29 11.38 3.89 -7.57
CA THR A 29 10.66 5.16 -7.44
C THR A 29 9.75 5.25 -8.67
N LEU A 30 8.45 5.10 -8.43
CA LEU A 30 7.46 5.12 -9.51
C LEU A 30 6.90 6.52 -9.69
N ARG A 31 6.68 6.87 -10.95
N ARG A 31 6.64 6.90 -10.94
CA ARG A 31 6.03 8.11 -11.30
CA ARG A 31 6.07 8.23 -11.21
C ARG A 31 4.66 7.85 -11.89
C ARG A 31 4.79 8.16 -12.03
N THR A 32 3.69 8.62 -11.40
CA THR A 32 2.37 8.58 -11.98
C THR A 32 2.08 9.98 -12.56
N GLU A 33 0.83 10.19 -12.98
N GLU A 33 0.82 10.19 -12.96
CA GLU A 33 0.44 11.47 -13.56
CA GLU A 33 0.39 11.45 -13.56
C GLU A 33 0.77 12.59 -12.59
C GLU A 33 0.60 12.64 -12.63
N ARG A 34 0.35 12.43 -11.34
CA ARG A 34 0.43 13.50 -10.35
C ARG A 34 1.37 13.19 -9.18
N LEU A 35 1.86 11.95 -9.10
CA LEU A 35 2.55 11.51 -7.87
C LEU A 35 3.92 10.91 -8.10
N THR A 36 4.74 10.95 -7.07
CA THR A 36 6.00 10.20 -7.05
C THR A 36 5.89 9.22 -5.89
N LEU A 37 6.12 7.93 -6.17
CA LEU A 37 5.99 6.88 -5.16
C LEU A 37 7.39 6.40 -4.88
N ARG A 38 7.93 6.70 -3.70
CA ARG A 38 9.37 6.55 -3.50
C ARG A 38 9.73 5.87 -2.17
N PRO A 39 10.98 5.43 -2.04
CA PRO A 39 11.32 4.71 -0.80
C PRO A 39 11.17 5.50 0.50
N LEU A 40 10.83 4.76 1.54
CA LEU A 40 10.75 5.29 2.88
C LEU A 40 12.11 5.85 3.34
N ALA A 41 12.05 6.91 4.12
CA ALA A 41 13.21 7.50 4.75
C ALA A 41 12.88 7.90 6.18
N ALA A 43 13.13 10.66 7.64
CA ALA A 43 12.45 11.97 7.65
C ALA A 43 10.94 11.82 7.56
N ASP A 44 10.48 10.67 7.05
CA ASP A 44 9.06 10.43 6.88
C ASP A 44 8.38 9.96 8.19
N PHE A 45 9.17 9.52 9.16
CA PHE A 45 8.56 8.92 10.35
C PHE A 45 7.68 9.86 11.18
N PRO A 46 8.11 11.10 11.41
CA PRO A 46 7.26 11.95 12.23
C PRO A 46 5.82 12.12 11.74
N ALA A 47 5.62 12.41 10.45
CA ALA A 47 4.26 12.62 9.92
C ALA A 47 3.51 11.29 9.95
N TYR A 48 4.23 10.20 9.68
CA TYR A 48 3.63 8.87 9.73
C TYR A 48 3.12 8.55 11.13
N ARG A 49 3.92 8.86 12.15
CA ARG A 49 3.57 8.58 13.53
C ARG A 49 2.39 9.46 13.94
N ASP A 50 2.42 10.74 13.54
CA ASP A 50 1.28 11.65 13.79
C ASP A 50 -0.02 11.01 13.28
N PHE A 51 0.02 10.48 12.06
CA PHE A 51 -1.15 9.84 11.48
C PHE A 51 -1.55 8.60 12.30
N ALA A 53 -0.97 7.65 15.30
CA ALA A 53 -1.37 7.88 16.69
C ALA A 53 -2.78 8.46 16.79
N SER A 54 -3.31 8.92 15.65
CA SER A 54 -4.50 9.78 15.60
C SER A 54 -5.77 8.99 15.28
N PRO A 55 -6.95 9.58 15.56
CA PRO A 55 -8.21 8.95 15.15
C PRO A 55 -8.33 8.69 13.64
N ARG A 56 -7.61 9.47 12.83
N ARG A 56 -7.56 9.45 12.85
CA ARG A 56 -7.60 9.30 11.37
CA ARG A 56 -7.54 9.33 11.38
C ARG A 56 -7.27 7.87 10.97
C ARG A 56 -7.04 7.99 10.87
N SER A 57 -6.46 7.21 11.77
CA SER A 57 -5.92 5.90 11.43
C SER A 57 -6.87 4.74 11.71
N THR A 58 -8.06 5.04 12.26
N THR A 58 -8.06 5.04 12.25
CA THR A 58 -9.01 3.99 12.63
CA THR A 58 -9.01 3.99 12.63
C THR A 58 -9.31 3.08 11.43
C THR A 58 -9.42 3.12 11.45
N GLY A 59 -9.35 3.68 10.24
CA GLY A 59 -9.61 2.94 9.00
C GLY A 59 -8.47 2.08 8.47
N VAL A 60 -7.29 2.18 9.08
CA VAL A 60 -6.21 1.22 8.84
C VAL A 60 -5.86 0.46 10.13
N GLY A 61 -6.87 0.32 11.01
CA GLY A 61 -6.76 -0.48 12.22
C GLY A 61 -6.20 0.24 13.45
N GLY A 62 -6.03 1.56 13.33
CA GLY A 62 -5.48 2.38 14.42
C GLY A 62 -6.52 2.85 15.42
N PRO A 63 -6.12 3.72 16.37
CA PRO A 63 -4.74 4.21 16.51
C PRO A 63 -3.78 3.16 17.08
N TYR A 64 -2.51 3.45 16.91
CA TYR A 64 -1.45 2.55 17.33
C TYR A 64 -0.56 3.22 18.35
N ASP A 65 0.06 2.41 19.20
CA ASP A 65 1.07 2.96 20.09
C ASP A 65 2.38 3.13 19.32
N LEU A 66 3.39 3.67 19.99
CA LEU A 66 4.66 3.96 19.29
C LEU A 66 5.42 2.70 18.84
N PRO A 67 5.59 1.69 19.73
CA PRO A 67 6.27 0.48 19.26
C PRO A 67 5.59 -0.17 18.05
N SER A 68 4.26 -0.23 18.06
N SER A 68 4.26 -0.23 18.07
CA SER A 68 3.54 -0.82 16.92
CA SER A 68 3.52 -0.79 16.94
C SER A 68 3.74 0.03 15.67
C SER A 68 3.78 0.04 15.69
N THR A 69 3.70 1.36 15.82
CA THR A 69 3.89 2.25 14.66
C THR A 69 5.27 2.04 14.04
N TRP A 70 6.28 1.97 14.90
CA TRP A 70 7.63 1.72 14.45
C TRP A 70 7.76 0.35 13.76
N GLY A 71 7.17 -0.67 14.36
CA GLY A 71 7.19 -2.00 13.73
C GLY A 71 6.56 -2.01 12.34
N VAL A 72 5.39 -1.38 12.17
CA VAL A 72 4.80 -1.32 10.82
C VAL A 72 5.67 -0.54 9.84
N PHE A 73 6.24 0.59 10.27
CA PHE A 73 7.09 1.39 9.40
C PHE A 73 8.31 0.56 8.94
N CYS A 74 8.88 -0.19 9.89
CA CYS A 74 10.01 -1.05 9.53
C CYS A 74 9.61 -2.21 8.60
N HIS A 75 8.44 -2.79 8.85
CA HIS A 75 7.86 -3.83 7.95
C HIS A 75 7.68 -3.22 6.56
N ASP A 76 7.17 -2.00 6.51
CA ASP A 76 6.92 -1.33 5.23
C ASP A 76 8.19 -1.21 4.35
N LEU A 77 9.32 -0.89 4.98
CA LEU A 77 10.59 -0.79 4.29
C LEU A 77 11.17 -2.17 4.04
N ALA A 78 11.20 -3.02 5.07
CA ALA A 78 11.87 -4.32 5.01
C ALA A 78 11.26 -5.31 4.01
N ASN A 79 9.97 -5.15 3.72
CA ASN A 79 9.33 -6.05 2.77
C ASN A 79 10.06 -6.07 1.42
N TRP A 80 10.64 -4.94 1.01
CA TRP A 80 11.39 -4.88 -0.28
C TRP A 80 12.52 -5.90 -0.30
N HIS A 81 13.33 -5.90 0.75
CA HIS A 81 14.45 -6.83 0.88
C HIS A 81 13.97 -8.27 0.92
N PHE A 82 12.89 -8.52 1.64
CA PHE A 82 12.41 -9.88 1.88
C PHE A 82 11.61 -10.47 0.74
N PHE A 83 10.83 -9.63 0.05
CA PHE A 83 9.84 -10.13 -0.93
C PHE A 83 9.91 -9.49 -2.30
N GLY A 84 10.62 -8.38 -2.44
CA GLY A 84 10.71 -7.67 -3.72
C GLY A 84 9.53 -6.74 -3.98
N HIS A 85 8.76 -6.50 -2.93
CA HIS A 85 7.68 -5.50 -2.91
C HIS A 85 7.57 -4.97 -1.49
N GLY A 86 6.86 -3.84 -1.32
CA GLY A 86 6.79 -3.19 -0.02
C GLY A 86 6.09 -1.85 -0.15
N ALA A 87 6.32 -0.96 0.82
CA ALA A 87 5.65 0.35 0.81
C ALA A 87 6.47 1.39 0.10
N LEU A 88 5.76 2.37 -0.45
CA LEU A 88 6.38 3.57 -1.00
C LEU A 88 5.62 4.77 -0.43
N ILE A 90 4.03 8.44 -0.75
CA ILE A 90 3.38 9.19 -1.85
C ILE A 90 3.73 10.65 -1.72
N ASP A 91 4.45 11.17 -2.72
CA ASP A 91 4.75 12.60 -2.81
C ASP A 91 3.98 13.25 -3.96
N LEU A 92 3.60 14.51 -3.79
CA LEU A 92 2.95 15.24 -4.87
C LEU A 92 3.97 15.69 -5.91
N GLY A 93 3.81 15.23 -7.14
CA GLY A 93 4.65 15.68 -8.26
C GLY A 93 6.14 15.62 -8.02
N GLU A 94 6.84 16.70 -8.39
CA GLU A 94 8.28 16.85 -8.12
C GLU A 94 8.54 17.72 -6.87
N THR A 95 7.48 17.99 -6.11
CA THR A 95 7.51 18.97 -5.01
C THR A 95 8.09 18.44 -3.70
N GLY A 96 8.13 17.12 -3.55
CA GLY A 96 8.59 16.49 -2.32
C GLY A 96 7.60 16.56 -1.16
N GLU A 97 6.40 17.09 -1.40
CA GLU A 97 5.39 17.12 -0.33
C GLU A 97 4.77 15.73 -0.16
N CYS A 98 5.01 15.14 1.01
CA CYS A 98 4.56 13.79 1.31
C CYS A 98 3.15 13.76 1.87
N ILE A 99 2.28 12.99 1.19
CA ILE A 99 0.86 13.01 1.47
C ILE A 99 0.28 11.68 1.92
N GLY A 100 1.11 10.64 1.95
CA GLY A 100 0.62 9.34 2.43
C GLY A 100 1.50 8.20 1.98
N GLN A 101 0.92 7.01 1.85
CA GLN A 101 1.72 5.82 1.63
C GLN A 101 0.87 4.78 0.89
N ILE A 102 1.55 4.03 0.03
CA ILE A 102 0.96 2.89 -0.68
C ILE A 102 1.90 1.70 -0.51
N GLY A 103 1.36 0.49 -0.39
CA GLY A 103 2.26 -0.67 -0.23
C GLY A 103 1.66 -2.02 -0.54
N ILE A 104 2.55 -2.98 -0.81
CA ILE A 104 2.15 -4.36 -0.83
C ILE A 104 2.90 -5.09 0.28
N ASN A 105 2.11 -5.82 1.06
CA ASN A 105 2.54 -6.44 2.32
C ASN A 105 2.55 -7.94 2.21
N HIS A 106 3.54 -8.59 2.82
CA HIS A 106 3.44 -10.04 2.99
C HIS A 106 4.14 -10.42 4.29
N GLY A 107 4.50 -11.69 4.42
CA GLY A 107 5.09 -12.18 5.66
C GLY A 107 4.04 -12.79 6.58
N PRO A 108 4.44 -13.17 7.82
CA PRO A 108 3.58 -13.97 8.69
C PRO A 108 2.27 -13.34 9.13
N LEU A 109 2.12 -12.04 8.95
CA LEU A 109 0.91 -11.36 9.42
C LEU A 109 -0.11 -11.16 8.31
N PHE A 110 0.25 -11.58 7.09
CA PHE A 110 -0.64 -11.40 5.92
C PHE A 110 -0.85 -12.72 5.18
N PRO A 111 -2.07 -13.29 5.28
CA PRO A 111 -2.28 -14.60 4.61
C PRO A 111 -2.04 -14.62 3.10
N GLU A 112 -2.26 -13.49 2.43
CA GLU A 112 -1.94 -13.31 1.03
C GLU A 112 -1.28 -11.93 0.84
N LYS A 113 -0.57 -11.77 -0.27
CA LYS A 113 0.05 -10.46 -0.61
C LYS A 113 -1.03 -9.40 -0.72
N GLU A 114 -0.84 -8.30 -0.01
CA GLU A 114 -1.93 -7.35 0.30
C GLU A 114 -1.56 -5.92 -0.05
N LEU A 115 -2.44 -5.26 -0.80
CA LEU A 115 -2.28 -3.86 -1.20
C LEU A 115 -3.01 -2.96 -0.20
N GLY A 116 -2.28 -2.00 0.36
CA GLY A 116 -2.90 -1.05 1.30
C GLY A 116 -2.46 0.36 1.02
N TRP A 117 -3.26 1.32 1.51
CA TRP A 117 -2.95 2.74 1.27
C TRP A 117 -3.46 3.58 2.41
N LEU A 118 -2.87 4.77 2.55
CA LEU A 118 -3.35 5.75 3.51
C LEU A 118 -2.95 7.13 3.00
N LEU A 119 -3.79 8.12 3.33
CA LEU A 119 -3.51 9.53 3.04
C LEU A 119 -3.56 10.34 4.30
N TYR A 120 -2.63 11.29 4.42
CA TYR A 120 -2.61 12.20 5.54
C TYR A 120 -3.73 13.22 5.40
N GLU A 121 -4.04 13.86 6.51
CA GLU A 121 -5.15 14.78 6.59
C GLU A 121 -5.02 15.92 5.59
N GLY A 122 -6.12 16.18 4.87
CA GLY A 122 -6.18 17.29 3.93
C GLY A 122 -6.06 16.90 2.46
N HIS A 123 -5.79 15.62 2.21
CA HIS A 123 -5.49 15.19 0.85
C HIS A 123 -6.50 14.22 0.25
N GLU A 124 -7.60 13.94 0.95
CA GLU A 124 -8.66 13.09 0.40
C GLU A 124 -9.48 13.77 -0.72
N GLY A 125 -10.23 12.96 -1.46
CA GLY A 125 -11.18 13.48 -2.46
C GLY A 125 -10.62 13.93 -3.80
N ARG A 126 -9.33 13.69 -4.02
N ARG A 126 -9.32 13.72 -4.01
CA ARG A 126 -8.67 14.12 -5.25
CA ARG A 126 -8.63 14.13 -5.26
C ARG A 126 -8.18 12.93 -6.07
C ARG A 126 -8.28 12.93 -6.15
N GLY A 127 -8.65 11.73 -5.69
CA GLY A 127 -8.29 10.49 -6.41
C GLY A 127 -6.85 10.02 -6.19
N TYR A 128 -6.16 10.56 -5.18
CA TYR A 128 -4.75 10.19 -4.98
C TYR A 128 -4.55 8.74 -4.57
N ALA A 129 -5.40 8.24 -3.69
CA ALA A 129 -5.24 6.86 -3.22
C ALA A 129 -5.40 5.89 -4.38
N ALA A 130 -6.45 6.08 -5.18
CA ALA A 130 -6.68 5.20 -6.34
C ALA A 130 -5.53 5.29 -7.34
N GLU A 131 -5.00 6.50 -7.56
CA GLU A 131 -3.93 6.69 -8.52
C GLU A 131 -2.67 5.96 -8.07
N ALA A 132 -2.33 6.08 -6.79
CA ALA A 132 -1.18 5.38 -6.23
C ALA A 132 -1.38 3.87 -6.25
N ALA A 133 -2.60 3.44 -5.90
CA ALA A 133 -2.93 1.99 -5.85
C ALA A 133 -2.84 1.36 -7.24
N VAL A 134 -3.39 2.02 -8.25
CA VAL A 134 -3.32 1.51 -9.62
C VAL A 134 -1.87 1.32 -10.05
N ALA A 135 -1.02 2.30 -9.75
CA ALA A 135 0.39 2.26 -10.16
C ALA A 135 1.10 1.10 -9.52
N LEU A 136 0.94 0.94 -8.20
CA LEU A 136 1.68 -0.15 -7.54
C LEU A 136 1.08 -1.52 -7.86
N ARG A 137 -0.25 -1.60 -7.92
CA ARG A 137 -0.94 -2.82 -8.37
C ARG A 137 -0.43 -3.27 -9.74
N ASP A 138 -0.42 -2.36 -10.70
CA ASP A 138 0.03 -2.70 -12.06
C ASP A 138 1.50 -3.10 -12.07
N TRP A 139 2.34 -2.36 -11.35
CA TRP A 139 3.75 -2.70 -11.25
C TRP A 139 3.94 -4.12 -10.71
N ALA A 140 3.15 -4.48 -9.69
CA ALA A 140 3.25 -5.83 -9.12
C ALA A 140 2.82 -6.91 -10.10
N PHE A 141 1.71 -6.68 -10.80
CA PHE A 141 1.23 -7.68 -11.76
C PHE A 141 2.18 -7.80 -12.95
N GLU A 142 2.75 -6.66 -13.36
CA GLU A 142 3.58 -6.65 -14.56
C GLU A 142 5.02 -7.07 -14.30
N THR A 143 5.61 -6.51 -13.25
CA THR A 143 7.01 -6.71 -12.97
C THR A 143 7.24 -7.95 -12.11
N LEU A 144 6.37 -8.19 -11.12
CA LEU A 144 6.51 -9.36 -10.26
C LEU A 144 5.71 -10.56 -10.74
N ASN A 145 4.82 -10.34 -11.71
N ASN A 145 4.86 -10.34 -11.75
CA ASN A 145 3.98 -11.41 -12.24
CA ASN A 145 3.93 -11.35 -12.23
C ASN A 145 3.11 -12.08 -11.18
C ASN A 145 3.26 -12.08 -11.08
N LEU A 146 2.66 -11.31 -10.19
CA LEU A 146 1.87 -11.88 -9.09
C LEU A 146 0.59 -12.48 -9.67
N PRO A 147 0.25 -13.71 -9.23
CA PRO A 147 -0.98 -14.39 -9.64
C PRO A 147 -2.27 -13.81 -9.05
N THR A 148 -2.16 -13.07 -7.95
CA THR A 148 -3.32 -12.41 -7.33
C THR A 148 -2.82 -11.34 -6.37
N LEU A 149 -3.75 -10.54 -5.85
CA LEU A 149 -3.45 -9.50 -4.88
C LEU A 149 -4.76 -9.21 -4.13
N VAL A 150 -4.68 -8.91 -2.84
CA VAL A 150 -5.89 -8.62 -2.03
C VAL A 150 -5.75 -7.32 -1.27
N SER A 151 -6.86 -6.83 -0.73
CA SER A 151 -6.83 -5.79 0.32
C SER A 151 -7.73 -6.22 1.46
N TYR A 152 -7.24 -6.11 2.70
CA TYR A 152 -8.05 -6.37 3.91
C TYR A 152 -8.68 -5.05 4.33
N VAL A 153 -10.00 -5.03 4.41
CA VAL A 153 -10.75 -3.79 4.69
C VAL A 153 -11.81 -4.06 5.76
N SER A 154 -11.84 -3.25 6.82
N SER A 154 -11.87 -3.20 6.78
CA SER A 154 -12.89 -3.41 7.84
CA SER A 154 -12.94 -3.23 7.78
C SER A 154 -14.26 -3.04 7.27
C SER A 154 -14.31 -3.07 7.13
N PRO A 155 -15.33 -3.79 7.64
CA PRO A 155 -16.67 -3.66 7.02
C PRO A 155 -17.31 -2.29 7.22
N GLN A 156 -16.74 -1.48 8.10
N GLN A 156 -16.71 -1.48 8.09
CA GLN A 156 -17.27 -0.11 8.32
CA GLN A 156 -17.19 -0.14 8.43
C GLN A 156 -16.52 0.93 7.50
C GLN A 156 -16.39 0.96 7.71
N ASN A 157 -15.37 0.54 6.95
CA ASN A 157 -14.51 1.46 6.22
C ASN A 157 -15.02 1.73 4.79
N ARG A 158 -15.89 2.74 4.66
CA ARG A 158 -16.51 3.03 3.37
C ARG A 158 -15.52 3.57 2.35
N LYS A 159 -14.62 4.44 2.78
CA LYS A 159 -13.66 5.09 1.90
C LYS A 159 -12.73 4.08 1.23
N SER A 160 -12.21 3.13 2.01
CA SER A 160 -11.32 2.10 1.46
C SER A 160 -12.04 1.10 0.55
N ALA A 161 -13.25 0.71 0.94
CA ALA A 161 -14.08 -0.13 0.09
C ALA A 161 -14.33 0.53 -1.27
N ALA A 162 -14.62 1.84 -1.28
CA ALA A 162 -14.86 2.53 -2.55
C ALA A 162 -13.62 2.56 -3.47
N VAL A 163 -12.45 2.82 -2.87
CA VAL A 163 -11.19 2.81 -3.62
C VAL A 163 -10.92 1.41 -4.16
N ALA A 164 -11.07 0.40 -3.31
CA ALA A 164 -10.84 -0.98 -3.74
C ALA A 164 -11.71 -1.35 -4.95
N GLU A 165 -13.00 -1.01 -4.88
N GLU A 165 -12.96 -0.90 -4.91
CA GLU A 165 -13.92 -1.39 -5.93
CA GLU A 165 -13.87 -1.05 -6.04
C GLU A 165 -13.63 -0.61 -7.21
C GLU A 165 -13.47 -0.23 -7.26
N ARG A 166 -13.30 0.66 -7.07
N ARG A 166 -13.13 1.03 -7.04
CA ARG A 166 -12.95 1.49 -8.23
CA ARG A 166 -12.71 1.90 -8.15
C ARG A 166 -11.78 0.93 -9.03
C ARG A 166 -11.59 1.28 -9.00
N ILE A 167 -10.72 0.50 -8.34
CA ILE A 167 -9.54 -0.08 -9.00
C ILE A 167 -9.74 -1.55 -9.41
N GLY A 168 -10.99 -2.01 -9.34
CA GLY A 168 -11.38 -3.30 -9.88
C GLY A 168 -11.48 -4.45 -8.87
N GLY A 169 -11.34 -4.14 -7.59
CA GLY A 169 -11.48 -5.21 -6.58
C GLY A 169 -12.89 -5.76 -6.43
N THR A 170 -12.98 -7.05 -6.13
N THR A 170 -12.98 -7.04 -6.10
CA THR A 170 -14.27 -7.70 -5.85
CA THR A 170 -14.25 -7.71 -5.86
C THR A 170 -14.15 -8.47 -4.54
C THR A 170 -14.15 -8.47 -4.54
N LEU A 171 -15.20 -8.44 -3.73
CA LEU A 171 -15.21 -9.16 -2.45
C LEU A 171 -15.05 -10.65 -2.67
N ASP A 172 -14.22 -11.26 -1.83
CA ASP A 172 -13.98 -12.69 -1.88
C ASP A 172 -14.22 -13.33 -0.51
N PRO A 173 -15.46 -13.78 -0.25
CA PRO A 173 -15.81 -14.36 1.06
C PRO A 173 -15.06 -15.62 1.45
N LEU A 174 -14.36 -16.26 0.50
CA LEU A 174 -13.60 -17.47 0.85
C LEU A 174 -12.14 -17.18 1.22
N ALA A 175 -11.68 -15.95 0.99
CA ALA A 175 -10.27 -15.63 1.19
C ALA A 175 -9.91 -15.74 2.68
N PRO A 176 -8.71 -16.23 2.98
CA PRO A 176 -8.28 -16.25 4.36
C PRO A 176 -8.03 -14.82 4.86
N ARG A 177 -8.07 -14.65 6.17
CA ARG A 177 -7.93 -13.32 6.76
C ARG A 177 -7.65 -13.52 8.24
N SER A 178 -6.89 -12.60 8.81
N SER A 178 -6.85 -12.64 8.81
CA SER A 178 -6.51 -12.67 10.22
CA SER A 178 -6.54 -12.71 10.23
C SER A 178 -7.62 -12.23 11.17
C SER A 178 -7.74 -12.34 11.10
N ASP A 179 -8.44 -11.26 10.71
CA ASP A 179 -9.59 -10.79 11.47
C ASP A 179 -10.86 -11.29 10.79
N PRO A 180 -11.60 -12.19 11.46
CA PRO A 180 -12.81 -12.80 10.89
C PRO A 180 -13.87 -11.80 10.41
N GLU A 181 -13.82 -10.58 10.93
N GLU A 181 -13.85 -10.58 10.96
CA GLU A 181 -14.80 -9.54 10.62
CA GLU A 181 -14.81 -9.54 10.61
C GLU A 181 -14.39 -8.65 9.45
C GLU A 181 -14.42 -8.77 9.35
N ASP A 182 -13.14 -8.81 8.99
CA ASP A 182 -12.66 -8.08 7.81
C ASP A 182 -13.31 -8.56 6.53
N LEU A 183 -13.39 -7.64 5.58
CA LEU A 183 -13.71 -7.97 4.20
C LEU A 183 -12.39 -8.15 3.44
N VAL A 184 -12.45 -8.94 2.37
CA VAL A 184 -11.28 -9.10 1.49
C VAL A 184 -11.67 -8.76 0.07
N TYR A 185 -11.05 -7.71 -0.46
CA TYR A 185 -11.15 -7.42 -1.88
C TYR A 185 -10.02 -8.10 -2.63
N ARG A 186 -10.35 -8.68 -3.78
CA ARG A 186 -9.34 -9.32 -4.60
C ARG A 186 -9.23 -8.65 -5.97
N TYR A 187 -7.98 -8.49 -6.44
CA TYR A 187 -7.70 -7.86 -7.75
C TYR A 187 -7.11 -8.89 -8.68
N HIS A 188 -7.28 -8.68 -10.00
N HIS A 188 -7.49 -8.75 -9.96
CA HIS A 188 -6.71 -9.60 -11.01
CA HIS A 188 -6.98 -9.59 -11.03
C HIS A 188 -6.07 -8.91 -12.23
C HIS A 188 -6.48 -8.65 -12.11
N GLN A 189 -5.16 -9.62 -12.90
N GLN A 189 -5.45 -9.10 -12.83
CA GLN A 189 -4.62 -9.23 -14.21
CA GLN A 189 -4.91 -8.36 -13.96
C GLN A 189 -3.98 -7.83 -14.23
C GLN A 189 -3.47 -8.80 -14.24
#